data_5ZWE
#
_entry.id   5ZWE
#
_cell.length_a   153.530
_cell.length_b   42.440
_cell.length_c   41.870
_cell.angle_alpha   90.00
_cell.angle_beta   95.98
_cell.angle_gamma   90.00
#
_symmetry.space_group_name_H-M   'C 1 2 1'
#
loop_
_entity.id
_entity.type
_entity.pdbx_description
1 polymer 'Vitamin D3 receptor'
2 polymer '13-meric peptide from DRIP205 NR2 BOX peptide'
3 non-polymer (6R)-6-[(1R,3aS,4E,7aR)-7a-methyl-4-[2-[(3R,5R)-4-methylidene-3,5-bis(oxidanyl)cyclohexylidene]ethylidene]-2,3,3a,5,6,7-hexahydro-1H-inden-1-yl]hept-1-en-3-one
4 water water
#
loop_
_entity_poly.entity_id
_entity_poly.type
_entity_poly.pdbx_seq_one_letter_code
_entity_poly.pdbx_strand_id
1 'polypeptide(L)'
;GSHMGSPNSPLKDSLRPKLSEEQQHIIAILLDAHHKTYDPTYADFRDFRPPVRMDGSTGSVTLDLSPLSMLPHLADLVSY
SIQKVIGFAKMIPGFRDLTSDDQIVLLKSSAIEVIMLRSNQSFTMDDMSWDCGSQDYKYDVTDVSKAGHTLELIEPLIKF
QVGLKKLNLHEEEHVLLMAICIVSPDRPGVQDAKLVEAIQDRLSNTLQTYIRCRHPPPGSHQLYAKMIQKLADLRSLNEE
HSKQYRSLSFQPENSMKLTPLVLEVFGNEIS
;
A
2 'polypeptide(L)' KNHPMLMNLLKDN C
#
loop_
_chem_comp.id
_chem_comp.type
_chem_comp.name
_chem_comp.formula
9K0 non-polymer (6R)-6-[(1R,3aS,4E,7aR)-7a-methyl-4-[2-[(3R,5R)-4-methylidene-3,5-bis(oxidanyl)cyclohexylidene]ethylidene]-2,3,3a,5,6,7-hexahydro-1H-inden-1-yl]hept-1-en-3-one 'C26 H38 O3'
#
# COMPACT_ATOMS: atom_id res chain seq x y z
N LYS A 18 -23.41 -4.60 -18.29
CA LYS A 18 -24.05 -5.39 -17.17
C LYS A 18 -22.98 -5.82 -16.17
N LEU A 19 -23.16 -5.39 -14.93
CA LEU A 19 -22.25 -5.79 -13.88
C LEU A 19 -22.62 -7.18 -13.41
N SER A 20 -21.66 -8.09 -13.44
CA SER A 20 -21.89 -9.51 -13.16
C SER A 20 -22.18 -9.79 -11.68
N GLU A 21 -22.88 -10.88 -11.44
CA GLU A 21 -23.14 -11.34 -10.08
C GLU A 21 -21.84 -11.72 -9.37
N GLU A 22 -20.94 -12.38 -10.09
CA GLU A 22 -19.62 -12.72 -9.57
C GLU A 22 -18.83 -11.44 -9.27
N GLN A 23 -18.91 -10.49 -10.19
CA GLN A 23 -18.23 -9.21 -10.06
C GLN A 23 -18.70 -8.38 -8.88
N GLN A 24 -19.99 -8.37 -8.66
CA GLN A 24 -20.56 -7.69 -7.50
C GLN A 24 -20.05 -8.35 -6.25
N HIS A 25 -19.92 -9.68 -6.30
CA HIS A 25 -19.41 -10.49 -5.21
C HIS A 25 -17.97 -10.13 -4.88
N ILE A 26 -17.16 -9.93 -5.92
CA ILE A 26 -15.76 -9.59 -5.75
C ILE A 26 -15.61 -8.22 -5.08
N ILE A 27 -16.44 -7.27 -5.50
CA ILE A 27 -16.43 -5.91 -4.94
C ILE A 27 -16.83 -5.91 -3.48
N ALA A 28 -17.84 -6.71 -3.14
CA ALA A 28 -18.34 -6.78 -1.77
C ALA A 28 -17.27 -7.36 -0.80
N ILE A 29 -16.57 -8.38 -1.27
CA ILE A 29 -15.51 -8.99 -0.51
C ILE A 29 -14.40 -7.99 -0.23
N LEU A 30 -14.03 -7.24 -1.27
CA LEU A 30 -12.96 -6.27 -1.17
C LEU A 30 -13.26 -5.09 -0.24
N LEU A 31 -14.51 -4.61 -0.27
CA LEU A 31 -14.92 -3.56 0.62
C LEU A 31 -14.89 -4.03 2.07
N ASP A 32 -15.32 -5.25 2.33
CA ASP A 32 -15.27 -5.80 3.65
C ASP A 32 -13.85 -6.05 4.11
N ALA A 33 -13.00 -6.54 3.21
CA ALA A 33 -11.63 -6.81 3.56
C ALA A 33 -10.92 -5.52 3.99
N HIS A 34 -11.18 -4.46 3.25
CA HIS A 34 -10.66 -3.15 3.58
C HIS A 34 -11.21 -2.61 4.89
N HIS A 35 -12.50 -2.75 5.07
CA HIS A 35 -13.16 -2.31 6.31
C HIS A 35 -12.63 -3.05 7.53
N LYS A 36 -12.42 -4.35 7.36
CA LYS A 36 -11.83 -5.18 8.39
C LYS A 36 -10.38 -4.82 8.68
N THR A 37 -9.62 -4.52 7.63
CA THR A 37 -8.21 -4.21 7.77
C THR A 37 -7.87 -2.72 7.84
N TYR A 38 -8.86 -1.84 7.73
CA TYR A 38 -8.54 -0.40 7.87
C TYR A 38 -9.44 0.33 8.87
N ASP A 39 -8.80 1.03 9.82
CA ASP A 39 -9.52 1.76 10.85
C ASP A 39 -9.48 3.26 10.64
N PRO A 40 -10.64 3.89 10.43
CA PRO A 40 -10.67 5.34 10.27
C PRO A 40 -10.22 6.02 11.56
N THR A 41 -10.53 5.41 12.69
CA THR A 41 -10.17 5.93 14.01
C THR A 41 -8.67 6.09 14.24
N TYR A 42 -7.88 5.13 13.77
CA TYR A 42 -6.44 5.19 13.95
C TYR A 42 -6.02 4.97 15.40
N ALA A 43 -6.88 4.34 16.19
CA ALA A 43 -6.64 4.14 17.60
C ALA A 43 -5.32 3.41 17.88
N ASP A 44 -5.02 2.42 17.04
CA ASP A 44 -3.82 1.58 17.25
C ASP A 44 -2.54 2.38 17.22
N PHE A 45 -2.57 3.57 16.66
CA PHE A 45 -1.38 4.39 16.48
C PHE A 45 -0.73 4.70 17.81
N ARG A 46 -1.54 4.72 18.86
CA ARG A 46 -1.06 5.04 20.19
C ARG A 46 0.04 4.04 20.63
N ASP A 47 -0.11 2.80 20.21
CA ASP A 47 0.83 1.73 20.56
C ASP A 47 2.24 1.98 20.04
N PHE A 48 2.37 2.63 18.91
CA PHE A 48 3.69 2.91 18.32
C PHE A 48 4.48 3.88 19.19
N ARG A 49 5.80 3.78 19.12
CA ARG A 49 6.67 4.67 19.89
C ARG A 49 6.38 6.09 19.48
N PRO A 50 6.34 7.00 20.46
CA PRO A 50 5.78 8.32 20.24
C PRO A 50 6.51 9.12 19.15
N PRO A 51 5.77 9.89 18.35
CA PRO A 51 6.41 10.73 17.34
C PRO A 51 7.24 11.86 17.96
N VAL A 52 8.48 12.01 17.57
CA VAL A 52 9.30 13.13 18.02
C VAL A 52 9.63 14.05 16.86
N ARG A 53 9.14 15.29 16.95
CA ARG A 53 9.35 16.26 15.86
C ARG A 53 10.46 17.26 16.13
N MET A 54 11.06 17.20 17.33
CA MET A 54 12.14 18.13 17.69
C MET A 54 11.81 19.57 17.27
N SER A 66 17.76 17.36 15.62
CA SER A 66 17.30 15.98 15.83
C SER A 66 17.17 15.22 14.49
N PRO A 67 18.11 14.29 14.22
CA PRO A 67 18.04 13.54 12.97
C PRO A 67 17.32 12.20 13.15
N LEU A 68 16.33 11.96 12.29
CA LEU A 68 15.64 10.67 12.27
C LEU A 68 14.94 10.37 13.59
N SER A 69 14.57 11.43 14.31
CA SER A 69 13.84 11.26 15.55
C SER A 69 12.49 10.61 15.27
N MET A 70 11.88 11.06 14.20
CA MET A 70 10.56 10.56 13.79
C MET A 70 10.54 9.09 13.38
N LEU A 71 11.57 8.65 12.69
CA LEU A 71 11.56 7.34 12.09
C LEU A 71 11.07 6.24 13.02
N PRO A 72 11.47 6.28 14.29
CA PRO A 72 10.98 5.24 15.21
C PRO A 72 9.46 5.12 15.19
N HIS A 73 8.75 6.26 15.15
CA HIS A 73 7.30 6.27 15.05
C HIS A 73 6.79 5.82 13.69
N LEU A 74 7.44 6.28 12.63
CA LEU A 74 7.05 5.90 11.28
C LEU A 74 7.46 4.52 10.84
N ALA A 75 8.55 4.03 11.42
CA ALA A 75 8.97 2.66 11.17
C ALA A 75 7.90 1.74 11.70
N ASP A 76 7.38 2.08 12.87
CA ASP A 76 6.29 1.36 13.51
C ASP A 76 5.00 1.41 12.70
N LEU A 77 4.70 2.56 12.14
CA LEU A 77 3.52 2.75 11.31
C LEU A 77 3.59 1.92 10.03
N VAL A 78 4.76 1.89 9.41
CA VAL A 78 4.96 1.08 8.22
C VAL A 78 4.79 -0.41 8.57
N SER A 79 5.34 -0.81 9.70
CA SER A 79 5.23 -2.20 10.15
C SER A 79 3.77 -2.59 10.41
N TYR A 80 3.05 -1.68 11.07
CA TYR A 80 1.63 -1.87 11.32
C TYR A 80 0.85 -1.97 10.03
N SER A 81 1.19 -1.10 9.11
CA SER A 81 0.55 -1.01 7.80
C SER A 81 0.76 -2.27 6.95
N ILE A 82 1.95 -2.84 7.03
CA ILE A 82 2.27 -4.08 6.34
C ILE A 82 1.38 -5.23 6.81
N GLN A 83 1.17 -5.32 8.12
CA GLN A 83 0.29 -6.35 8.68
C GLN A 83 -1.11 -6.19 8.15
N LYS A 84 -1.59 -4.94 8.11
CA LYS A 84 -2.91 -4.63 7.61
C LYS A 84 -3.07 -5.00 6.16
N VAL A 85 -2.04 -4.71 5.36
CA VAL A 85 -2.04 -5.06 3.95
C VAL A 85 -2.09 -6.57 3.74
N ILE A 86 -1.35 -7.31 4.55
CA ILE A 86 -1.30 -8.76 4.48
C ILE A 86 -2.72 -9.36 4.76
N GLY A 87 -3.43 -8.82 5.74
CA GLY A 87 -4.75 -9.25 6.04
C GLY A 87 -5.71 -8.99 4.88
N PHE A 88 -5.55 -7.82 4.25
CA PHE A 88 -6.32 -7.46 3.08
C PHE A 88 -6.02 -8.40 1.90
N ALA A 89 -4.75 -8.75 1.74
CA ALA A 89 -4.33 -9.62 0.64
C ALA A 89 -4.98 -11.00 0.73
N LYS A 90 -5.10 -11.51 1.96
CA LYS A 90 -5.66 -12.84 2.17
C LYS A 90 -7.10 -12.91 1.68
N MET A 91 -7.85 -11.84 1.88
N MET A 91 -7.86 -11.82 1.82
CA MET A 91 -9.24 -11.77 1.43
CA MET A 91 -9.27 -11.69 1.40
C MET A 91 -9.44 -11.80 -0.08
C MET A 91 -9.51 -11.69 -0.10
N ILE A 92 -8.57 -11.16 -0.83
CA ILE A 92 -8.77 -11.03 -2.27
C ILE A 92 -9.06 -12.38 -2.89
N PRO A 93 -10.08 -12.44 -3.74
CA PRO A 93 -10.39 -13.72 -4.39
C PRO A 93 -9.31 -14.28 -5.28
N GLY A 94 -8.94 -15.55 -5.09
CA GLY A 94 -7.93 -16.24 -5.87
C GLY A 94 -6.52 -16.05 -5.38
N PHE A 95 -6.37 -15.23 -4.35
CA PHE A 95 -5.08 -15.08 -3.71
C PHE A 95 -4.71 -16.41 -3.06
N ARG A 96 -5.70 -17.06 -2.46
CA ARG A 96 -5.47 -18.35 -1.74
C ARG A 96 -4.97 -19.48 -2.65
N ASP A 97 -5.45 -19.50 -3.89
CA ASP A 97 -5.05 -20.49 -4.87
C ASP A 97 -3.56 -20.42 -5.16
N LEU A 98 -2.96 -19.23 -5.12
CA LEU A 98 -1.54 -19.06 -5.40
C LEU A 98 -0.67 -19.75 -4.35
N THR A 99 0.49 -20.24 -4.74
CA THR A 99 1.36 -20.92 -3.78
C THR A 99 1.89 -19.90 -2.77
N SER A 100 2.30 -20.42 -1.62
CA SER A 100 2.76 -19.60 -0.51
C SER A 100 3.94 -18.76 -0.96
N ASP A 101 4.82 -19.35 -1.75
CA ASP A 101 5.95 -18.64 -2.29
C ASP A 101 5.52 -17.48 -3.17
N ASP A 102 4.51 -17.72 -3.98
CA ASP A 102 3.95 -16.67 -4.83
C ASP A 102 3.32 -15.57 -4.00
N GLN A 103 2.63 -15.98 -2.93
CA GLN A 103 2.03 -15.01 -2.01
C GLN A 103 3.07 -14.15 -1.34
N ILE A 104 4.18 -14.78 -0.93
CA ILE A 104 5.25 -14.07 -0.27
C ILE A 104 5.96 -13.03 -1.17
N VAL A 105 6.23 -13.42 -2.41
CA VAL A 105 6.90 -12.54 -3.35
C VAL A 105 6.02 -11.35 -3.71
N LEU A 106 4.74 -11.59 -3.89
CA LEU A 106 3.80 -10.51 -4.20
C LEU A 106 3.65 -9.51 -3.06
N LEU A 107 3.48 -10.03 -1.87
CA LEU A 107 3.38 -9.19 -0.68
C LEU A 107 4.64 -8.38 -0.37
N LYS A 108 5.80 -9.00 -0.54
CA LYS A 108 7.08 -8.33 -0.30
C LYS A 108 7.31 -7.14 -1.24
N SER A 109 6.97 -7.34 -2.51
CA SER A 109 7.10 -6.29 -3.53
C SER A 109 6.09 -5.14 -3.42
N SER A 110 4.83 -5.50 -3.20
CA SER A 110 3.74 -4.52 -3.25
C SER A 110 3.42 -3.88 -1.90
N ALA A 111 4.08 -4.33 -0.83
CA ALA A 111 3.70 -3.84 0.49
C ALA A 111 3.88 -2.31 0.58
N ILE A 112 5.00 -1.79 0.08
CA ILE A 112 5.20 -0.36 0.11
C ILE A 112 4.22 0.40 -0.79
N GLU A 113 3.98 -0.15 -1.98
CA GLU A 113 3.05 0.44 -2.93
C GLU A 113 1.61 0.46 -2.42
N VAL A 114 1.20 -0.62 -1.78
CA VAL A 114 -0.15 -0.70 -1.20
C VAL A 114 -0.30 0.29 -0.06
N ILE A 115 0.75 0.45 0.75
CA ILE A 115 0.72 1.39 1.86
C ILE A 115 0.57 2.82 1.33
N MET A 116 1.29 3.14 0.27
CA MET A 116 1.17 4.47 -0.33
C MET A 116 -0.22 4.70 -0.87
N LEU A 117 -0.79 3.69 -1.53
CA LEU A 117 -2.16 3.78 -2.03
C LEU A 117 -3.23 3.87 -0.92
N ARG A 118 -3.09 3.03 0.10
CA ARG A 118 -4.05 3.04 1.20
C ARG A 118 -3.98 4.32 2.02
N SER A 119 -2.76 4.84 2.16
CA SER A 119 -2.52 6.07 2.90
C SER A 119 -3.36 7.25 2.41
N ASN A 120 -3.54 7.30 1.09
CA ASN A 120 -4.27 8.35 0.45
C ASN A 120 -5.53 8.76 1.19
N GLN A 121 -6.21 7.80 1.80
CA GLN A 121 -7.41 8.08 2.55
C GLN A 121 -7.18 9.04 3.71
N SER A 122 -6.11 8.84 4.43
CA SER A 122 -5.72 9.76 5.51
C SER A 122 -5.25 11.13 4.93
N PHE A 123 -4.59 11.09 3.78
CA PHE A 123 -3.95 12.27 3.18
C PHE A 123 -4.93 13.38 2.81
N THR A 124 -4.56 14.61 3.07
CA THR A 124 -5.44 15.75 2.81
C THR A 124 -4.76 16.88 2.03
N MET A 125 -5.52 17.43 1.09
CA MET A 125 -5.07 18.52 0.23
C MET A 125 -4.78 19.84 0.98
N ASP A 126 -5.51 20.11 2.06
CA ASP A 126 -5.40 21.38 2.74
C ASP A 126 -4.02 21.69 3.26
N ASP A 127 -3.38 20.72 3.90
CA ASP A 127 -2.04 20.90 4.46
C ASP A 127 -0.97 20.16 3.67
N MET A 128 -1.38 19.43 2.62
CA MET A 128 -0.48 18.53 1.91
C MET A 128 0.11 17.50 2.87
N SER A 129 -0.72 17.00 3.76
CA SER A 129 -0.26 16.10 4.80
C SER A 129 -1.25 14.94 5.02
N TRP A 130 -0.72 13.90 5.66
CA TRP A 130 -1.49 12.68 5.99
C TRP A 130 -2.09 12.92 7.34
N ASP A 131 -3.40 13.02 7.44
CA ASP A 131 -4.04 13.44 8.68
C ASP A 131 -4.74 12.29 9.41
N CYS A 132 -4.23 11.99 10.59
CA CYS A 132 -4.68 10.85 11.36
C CYS A 132 -5.49 11.26 12.61
N GLY A 133 -6.07 12.46 12.55
CA GLY A 133 -6.95 12.92 13.60
C GLY A 133 -6.25 13.58 14.78
N SER A 134 -4.93 13.70 14.71
CA SER A 134 -4.18 14.33 15.78
C SER A 134 -3.02 15.15 15.22
N GLN A 135 -2.60 16.15 15.95
CA GLN A 135 -1.42 16.92 15.58
C GLN A 135 -0.19 16.01 15.64
N ASP A 136 -0.13 15.16 16.66
CA ASP A 136 0.98 14.21 16.77
C ASP A 136 0.95 13.19 15.64
N TYR A 137 -0.26 12.76 15.28
CA TYR A 137 -0.45 11.74 14.26
C TYR A 137 -0.74 12.33 12.90
N LYS A 138 -0.55 13.64 12.78
CA LYS A 138 -0.63 14.30 11.48
C LYS A 138 0.80 14.37 10.93
N TYR A 139 1.00 13.77 9.77
CA TYR A 139 2.35 13.66 9.19
C TYR A 139 2.54 14.51 7.94
N ASP A 140 3.61 15.27 7.93
CA ASP A 140 3.91 16.23 6.85
C ASP A 140 5.31 16.03 6.30
N VAL A 141 5.64 16.78 5.28
CA VAL A 141 6.83 16.53 4.50
C VAL A 141 8.09 16.52 5.34
N THR A 142 8.22 17.49 6.23
CA THR A 142 9.35 17.56 7.14
C THR A 142 9.29 16.43 8.17
N ASP A 143 8.11 15.96 8.50
CA ASP A 143 7.99 14.73 9.30
C ASP A 143 8.54 13.51 8.60
N VAL A 144 8.18 13.33 7.33
CA VAL A 144 8.72 12.22 6.54
C VAL A 144 10.22 12.34 6.38
N SER A 145 10.67 13.56 6.21
CA SER A 145 12.09 13.88 6.07
C SER A 145 12.91 13.48 7.30
N LYS A 146 12.31 13.65 8.46
CA LYS A 146 12.96 13.27 9.72
C LYS A 146 13.20 11.76 9.79
N ALA A 147 12.32 10.98 9.16
CA ALA A 147 12.49 9.55 9.09
C ALA A 147 13.76 9.16 8.38
N GLY A 148 14.15 9.91 7.36
CA GLY A 148 15.42 9.72 6.69
C GLY A 148 15.27 9.47 5.21
N HIS A 149 14.28 10.12 4.60
N HIS A 149 14.30 10.17 4.63
CA HIS A 149 14.02 9.96 3.18
CA HIS A 149 14.00 10.02 3.21
C HIS A 149 14.25 11.26 2.43
C HIS A 149 14.28 11.31 2.45
N THR A 150 15.03 11.19 1.36
CA THR A 150 15.35 12.33 0.51
C THR A 150 14.12 12.77 -0.23
N LEU A 151 14.08 14.04 -0.59
CA LEU A 151 12.99 14.59 -1.38
C LEU A 151 12.76 13.79 -2.67
N GLU A 152 13.79 13.10 -3.14
CA GLU A 152 13.70 12.34 -4.37
C GLU A 152 12.47 11.44 -4.27
N LEU A 153 12.32 10.79 -3.12
CA LEU A 153 11.09 10.08 -2.79
C LEU A 153 9.90 10.96 -2.50
N ILE A 154 10.08 11.98 -1.69
CA ILE A 154 8.95 12.76 -1.14
C ILE A 154 8.15 13.60 -2.10
N GLU A 155 8.85 14.32 -2.98
CA GLU A 155 8.22 15.16 -3.96
C GLU A 155 7.40 14.32 -4.93
N PRO A 156 7.94 13.17 -5.39
CA PRO A 156 7.05 12.35 -6.23
C PRO A 156 5.91 11.72 -5.43
N LEU A 157 6.18 11.32 -4.20
CA LEU A 157 5.18 10.73 -3.33
C LEU A 157 4.01 11.66 -3.01
N ILE A 158 4.31 12.91 -2.71
CA ILE A 158 3.28 13.92 -2.46
C ILE A 158 2.45 14.19 -3.72
N LYS A 159 3.14 14.25 -4.84
CA LYS A 159 2.52 14.46 -6.09
C LYS A 159 1.54 13.35 -6.40
N PHE A 160 1.86 12.16 -5.94
CA PHE A 160 1.15 10.96 -6.29
C PHE A 160 -0.15 11.01 -5.59
N GLN A 161 -0.09 11.44 -4.34
CA GLN A 161 -1.20 11.54 -3.47
C GLN A 161 -2.22 12.56 -3.95
N VAL A 162 -1.72 13.69 -4.44
CA VAL A 162 -2.57 14.68 -5.02
C VAL A 162 -3.30 14.17 -6.27
N GLY A 163 -2.57 13.47 -7.14
CA GLY A 163 -3.18 12.87 -8.32
C GLY A 163 -4.22 11.81 -7.97
N LEU A 164 -3.90 10.93 -7.01
CA LEU A 164 -4.82 9.92 -6.52
C LEU A 164 -6.06 10.62 -5.91
N LYS A 165 -5.83 11.70 -5.18
CA LYS A 165 -6.91 12.46 -4.56
C LYS A 165 -7.83 13.05 -5.63
N LYS A 166 -7.22 13.55 -6.71
CA LYS A 166 -7.97 14.21 -7.79
C LYS A 166 -8.92 13.23 -8.42
N LEU A 167 -8.51 11.98 -8.56
CA LEU A 167 -9.33 10.95 -9.16
C LEU A 167 -10.68 10.83 -8.47
N ASN A 168 -10.70 11.03 -7.17
CA ASN A 168 -11.87 10.89 -6.34
C ASN A 168 -12.57 9.59 -6.57
N LEU A 169 -11.79 8.53 -6.45
CA LEU A 169 -12.27 7.20 -6.70
C LEU A 169 -13.35 6.82 -5.70
N HIS A 170 -14.26 5.97 -6.14
CA HIS A 170 -15.23 5.32 -5.27
C HIS A 170 -14.47 4.33 -4.41
N GLU A 171 -15.01 3.99 -3.26
CA GLU A 171 -14.35 3.06 -2.35
C GLU A 171 -14.15 1.71 -3.05
N GLU A 172 -15.11 1.32 -3.86
CA GLU A 172 -14.99 0.09 -4.65
C GLU A 172 -13.77 0.19 -5.59
N GLU A 173 -13.59 1.35 -6.20
CA GLU A 173 -12.45 1.59 -7.06
C GLU A 173 -11.13 1.57 -6.28
N HIS A 174 -11.15 2.15 -5.10
CA HIS A 174 -9.99 2.18 -4.23
C HIS A 174 -9.57 0.75 -3.78
N VAL A 175 -10.56 -0.05 -3.37
CA VAL A 175 -10.29 -1.38 -2.93
C VAL A 175 -9.78 -2.27 -4.06
N LEU A 176 -10.40 -2.10 -5.23
CA LEU A 176 -10.03 -2.90 -6.41
C LEU A 176 -8.58 -2.62 -6.86
N LEU A 177 -8.20 -1.34 -6.82
CA LEU A 177 -6.86 -0.94 -7.26
C LEU A 177 -5.76 -1.55 -6.40
N MET A 178 -6.00 -1.58 -5.10
CA MET A 178 -5.09 -2.19 -4.15
C MET A 178 -4.86 -3.69 -4.41
N ALA A 179 -5.94 -4.40 -4.64
CA ALA A 179 -5.86 -5.84 -4.98
C ALA A 179 -5.15 -6.12 -6.32
N ILE A 180 -5.47 -5.30 -7.33
CA ILE A 180 -4.86 -5.40 -8.64
C ILE A 180 -3.37 -5.12 -8.49
N CYS A 181 -3.05 -4.17 -7.61
CA CYS A 181 -1.69 -3.80 -7.33
C CYS A 181 -0.92 -4.95 -6.71
N ILE A 182 -1.56 -5.63 -5.72
CA ILE A 182 -0.96 -6.73 -5.03
C ILE A 182 -0.69 -7.94 -5.93
N VAL A 183 -1.65 -8.27 -6.77
CA VAL A 183 -1.56 -9.45 -7.64
C VAL A 183 -1.09 -9.12 -9.04
N SER A 184 0.21 -8.89 -9.15
CA SER A 184 0.83 -8.52 -10.42
C SER A 184 1.78 -9.62 -10.89
N PRO A 185 1.61 -10.07 -12.13
CA PRO A 185 2.42 -11.17 -12.66
C PRO A 185 3.92 -10.85 -12.70
N ASP A 186 4.23 -9.59 -12.90
CA ASP A 186 5.60 -9.16 -13.19
C ASP A 186 6.45 -8.83 -11.98
N ARG A 187 5.92 -9.04 -10.79
CA ARG A 187 6.67 -8.82 -9.58
C ARG A 187 7.82 -9.80 -9.55
N PRO A 188 8.99 -9.34 -9.13
CA PRO A 188 10.18 -10.20 -9.14
C PRO A 188 10.07 -11.44 -8.25
N GLY A 189 10.60 -12.55 -8.71
CA GLY A 189 10.58 -13.78 -7.96
C GLY A 189 9.32 -14.57 -8.18
N VAL A 190 8.45 -14.16 -9.07
CA VAL A 190 7.15 -14.82 -9.16
C VAL A 190 7.36 -16.17 -9.80
N GLN A 191 7.07 -17.22 -9.05
CA GLN A 191 7.15 -18.60 -9.58
C GLN A 191 6.14 -18.88 -10.69
N ASP A 192 4.92 -18.40 -10.54
CA ASP A 192 3.83 -18.73 -11.46
C ASP A 192 3.09 -17.49 -11.96
N ALA A 193 3.66 -16.85 -12.99
CA ALA A 193 3.08 -15.64 -13.57
C ALA A 193 1.71 -15.86 -14.20
N LYS A 194 1.54 -16.98 -14.90
CA LYS A 194 0.29 -17.24 -15.64
C LYS A 194 -0.91 -17.35 -14.69
N LEU A 195 -0.72 -18.01 -13.56
CA LEU A 195 -1.76 -18.11 -12.54
C LEU A 195 -2.03 -16.76 -11.86
N VAL A 196 -0.95 -16.03 -11.57
CA VAL A 196 -1.07 -14.70 -10.95
C VAL A 196 -1.77 -13.73 -11.92
N GLU A 197 -1.43 -13.82 -13.20
CA GLU A 197 -2.03 -12.96 -14.23
C GLU A 197 -3.53 -13.19 -14.36
N ALA A 198 -3.95 -14.45 -14.27
CA ALA A 198 -5.37 -14.78 -14.38
C ALA A 198 -6.17 -14.22 -13.21
N ILE A 199 -5.60 -14.29 -12.00
CA ILE A 199 -6.27 -13.70 -10.83
C ILE A 199 -6.41 -12.19 -10.99
N GLN A 200 -5.33 -11.55 -11.46
CA GLN A 200 -5.31 -10.11 -11.66
C GLN A 200 -6.33 -9.69 -12.70
N ASP A 201 -6.44 -10.49 -13.76
CA ASP A 201 -7.31 -10.16 -14.88
C ASP A 201 -8.78 -10.07 -14.48
N ARG A 202 -9.18 -11.00 -13.61
CA ARG A 202 -10.55 -11.04 -13.08
C ARG A 202 -10.89 -9.76 -12.33
N LEU A 203 -9.93 -9.26 -11.56
CA LEU A 203 -10.08 -8.02 -10.84
C LEU A 203 -10.06 -6.83 -11.81
N SER A 204 -9.18 -6.89 -12.81
CA SER A 204 -9.06 -5.82 -13.82
C SER A 204 -10.34 -5.69 -14.62
N ASN A 205 -10.93 -6.83 -14.99
CA ASN A 205 -12.20 -6.84 -15.68
C ASN A 205 -13.31 -6.31 -14.78
N THR A 206 -13.28 -6.67 -13.53
CA THR A 206 -14.28 -6.20 -12.56
C THR A 206 -14.23 -4.68 -12.40
N LEU A 207 -13.02 -4.14 -12.34
CA LEU A 207 -12.83 -2.70 -12.21
C LEU A 207 -13.30 -1.95 -13.47
N GLN A 208 -12.97 -2.50 -14.63
CA GLN A 208 -13.37 -1.88 -15.90
C GLN A 208 -14.90 -1.81 -16.02
N THR A 209 -15.57 -2.89 -15.67
CA THR A 209 -17.02 -2.94 -15.74
C THR A 209 -17.66 -1.95 -14.74
N TYR A 210 -17.07 -1.82 -13.56
CA TYR A 210 -17.60 -0.91 -12.55
C TYR A 210 -17.58 0.53 -13.01
N ILE A 211 -16.48 0.95 -13.61
CA ILE A 211 -16.35 2.35 -14.04
C ILE A 211 -17.41 2.66 -15.08
N ARG A 212 -17.57 1.78 -16.06
CA ARG A 212 -18.59 1.95 -17.09
C ARG A 212 -20.01 1.88 -16.55
N CYS A 213 -20.31 0.86 -15.77
CA CYS A 213 -21.65 0.70 -15.20
C CYS A 213 -21.95 1.63 -14.05
N ARG A 214 -21.00 1.82 -13.16
CA ARG A 214 -21.27 2.52 -11.90
C ARG A 214 -20.66 3.91 -11.80
N HIS A 215 -19.83 4.34 -12.73
CA HIS A 215 -19.23 5.67 -12.63
C HIS A 215 -19.81 6.65 -13.65
N PRO A 216 -20.40 7.75 -13.15
CA PRO A 216 -20.95 8.78 -14.01
C PRO A 216 -19.87 9.65 -14.65
N PRO A 217 -20.05 10.02 -15.92
CA PRO A 217 -19.19 11.05 -16.54
C PRO A 217 -19.55 12.44 -16.03
N PRO A 218 -18.59 13.35 -15.99
CA PRO A 218 -17.24 13.19 -16.57
C PRO A 218 -16.18 12.47 -15.72
N GLY A 219 -16.46 12.12 -14.49
CA GLY A 219 -15.45 11.49 -13.66
C GLY A 219 -14.95 10.18 -14.22
N SER A 220 -15.86 9.43 -14.83
CA SER A 220 -15.57 8.13 -15.40
C SER A 220 -14.53 8.21 -16.53
N HIS A 221 -14.41 9.38 -17.17
CA HIS A 221 -13.58 9.53 -18.35
C HIS A 221 -12.09 9.29 -18.16
N GLN A 222 -11.57 8.34 -18.92
CA GLN A 222 -10.18 7.94 -18.89
C GLN A 222 -9.81 7.33 -17.55
N LEU A 223 -10.83 6.99 -16.78
CA LEU A 223 -10.62 6.64 -15.39
C LEU A 223 -9.76 5.36 -15.14
N TYR A 224 -10.02 4.32 -15.92
CA TYR A 224 -9.24 3.11 -15.82
C TYR A 224 -7.78 3.33 -16.19
N ALA A 225 -7.56 4.13 -17.23
CA ALA A 225 -6.22 4.43 -17.71
C ALA A 225 -5.42 5.22 -16.67
N LYS A 226 -6.08 6.18 -16.04
CA LYS A 226 -5.46 6.97 -14.99
C LYS A 226 -5.10 6.11 -13.78
N MET A 227 -5.99 5.18 -13.42
CA MET A 227 -5.72 4.27 -12.31
C MET A 227 -4.53 3.34 -12.63
N ILE A 228 -4.47 2.85 -13.86
CA ILE A 228 -3.38 2.01 -14.29
C ILE A 228 -2.07 2.78 -14.28
N GLN A 229 -2.14 4.04 -14.64
CA GLN A 229 -0.97 4.94 -14.60
C GLN A 229 -0.44 5.09 -13.16
N LYS A 230 -1.33 5.14 -12.21
CA LYS A 230 -0.96 5.24 -10.82
C LYS A 230 -0.13 4.02 -10.36
N LEU A 231 -0.47 2.85 -10.87
CA LEU A 231 0.31 1.65 -10.64
C LEU A 231 1.72 1.79 -11.18
N ALA A 232 1.83 2.43 -12.33
CA ALA A 232 3.14 2.74 -12.92
C ALA A 232 3.93 3.68 -12.03
N ASP A 233 3.25 4.65 -11.49
CA ASP A 233 3.86 5.62 -10.59
C ASP A 233 4.37 4.90 -9.32
N LEU A 234 3.57 3.95 -8.85
CA LEU A 234 3.92 3.19 -7.67
C LEU A 234 5.21 2.42 -7.86
N ARG A 235 5.40 1.85 -9.03
CA ARG A 235 6.60 1.09 -9.32
C ARG A 235 7.82 1.97 -9.21
N SER A 236 7.72 3.16 -9.74
CA SER A 236 8.78 4.14 -9.67
C SER A 236 9.00 4.56 -8.23
N LEU A 237 7.91 4.77 -7.52
CA LEU A 237 7.95 5.15 -6.10
C LEU A 237 8.60 4.08 -5.29
N ASN A 238 8.26 2.84 -5.59
CA ASN A 238 8.83 1.69 -4.91
C ASN A 238 10.34 1.61 -5.10
N GLU A 239 10.80 1.85 -6.32
CA GLU A 239 12.20 1.81 -6.65
C GLU A 239 12.96 2.87 -5.84
N GLU A 240 12.38 4.06 -5.73
CA GLU A 240 12.97 5.14 -4.99
C GLU A 240 13.09 4.77 -3.50
N HIS A 241 12.06 4.12 -2.97
CA HIS A 241 12.06 3.69 -1.56
C HIS A 241 13.20 2.72 -1.27
N SER A 242 13.45 1.80 -2.20
CA SER A 242 14.51 0.84 -2.05
C SER A 242 15.89 1.51 -1.96
N LYS A 243 16.08 2.54 -2.79
CA LYS A 243 17.31 3.31 -2.79
C LYS A 243 17.47 4.04 -1.46
N GLN A 244 16.39 4.61 -0.97
CA GLN A 244 16.35 5.27 0.34
C GLN A 244 16.50 4.34 1.56
N TYR A 245 15.83 3.19 1.55
CA TYR A 245 15.92 2.21 2.60
C TYR A 245 17.34 1.68 2.69
N ARG A 246 17.97 1.43 1.55
CA ARG A 246 19.32 0.92 1.53
C ARG A 246 20.25 1.91 2.21
N SER A 247 20.07 3.20 1.88
CA SER A 247 20.91 4.24 2.47
C SER A 247 20.68 4.37 3.98
N LEU A 248 19.43 4.39 4.40
CA LEU A 248 19.12 4.56 5.78
C LEU A 248 19.45 3.30 6.55
N SER A 249 19.15 2.16 5.97
CA SER A 249 19.46 0.87 6.58
C SER A 249 20.97 0.62 6.63
N PHE A 250 21.70 1.11 5.64
CA PHE A 250 23.12 0.80 5.50
C PHE A 250 23.82 0.88 6.85
N GLN A 251 23.49 1.88 7.65
CA GLN A 251 24.08 1.98 8.95
C GLN A 251 23.35 1.11 9.95
N PRO A 252 24.09 0.29 10.70
CA PRO A 252 23.45 -0.61 11.68
C PRO A 252 22.65 0.14 12.73
N GLU A 253 23.14 1.30 13.17
CA GLU A 253 22.47 2.07 14.22
C GLU A 253 21.03 2.45 13.83
N ASN A 254 20.87 2.84 12.58
CA ASN A 254 19.53 3.08 11.99
C ASN A 254 18.68 1.85 11.73
N SER A 255 19.31 0.77 11.30
CA SER A 255 18.64 -0.48 11.02
C SER A 255 18.03 -1.06 12.31
N MET A 256 18.61 -0.69 13.43
CA MET A 256 18.08 -0.99 14.74
C MET A 256 16.74 -0.35 15.09
N LYS A 257 16.52 0.88 14.65
CA LYS A 257 15.26 1.57 14.86
C LYS A 257 14.06 0.90 14.19
N LEU A 258 14.29 0.21 13.11
CA LEU A 258 13.24 -0.45 12.37
C LEU A 258 12.72 -1.71 13.10
N THR A 259 11.51 -2.12 12.75
CA THR A 259 10.89 -3.34 13.30
C THR A 259 11.41 -4.57 12.60
N PRO A 260 11.30 -5.74 13.24
CA PRO A 260 11.75 -6.98 12.59
C PRO A 260 11.02 -7.35 11.27
N LEU A 261 9.73 -7.08 11.16
CA LEU A 261 8.98 -7.25 9.93
C LEU A 261 9.39 -6.30 8.84
N VAL A 262 9.68 -5.06 9.19
CA VAL A 262 10.16 -4.11 8.21
C VAL A 262 11.48 -4.62 7.64
N LEU A 263 12.32 -5.14 8.51
CA LEU A 263 13.58 -5.72 8.07
C LEU A 263 13.38 -6.91 7.15
N GLU A 264 12.45 -7.79 7.51
CA GLU A 264 12.10 -8.96 6.69
C GLU A 264 11.51 -8.60 5.32
N VAL A 265 10.61 -7.62 5.29
CA VAL A 265 9.99 -7.21 4.05
C VAL A 265 10.91 -6.36 3.19
N PHE A 266 11.62 -5.40 3.78
CA PHE A 266 12.44 -4.48 2.97
C PHE A 266 13.90 -4.87 2.78
N GLY A 267 14.66 -5.10 3.86
CA GLY A 267 16.01 -5.63 3.71
C GLY A 267 16.68 -6.02 5.02
N ASN A 268 17.74 -6.85 4.96
CA ASN A 268 18.43 -7.35 6.19
C ASN A 268 19.76 -8.03 5.90
N LYS B 1 12.21 -20.10 2.69
CA LYS B 1 12.05 -18.93 1.79
C LYS B 1 12.77 -17.71 2.34
N ASN B 2 13.23 -17.81 3.60
CA ASN B 2 13.93 -16.71 4.24
C ASN B 2 12.99 -15.63 4.74
N HIS B 3 11.69 -15.93 4.74
CA HIS B 3 10.68 -14.99 5.22
C HIS B 3 9.74 -15.66 6.21
N PRO B 4 10.26 -16.01 7.39
CA PRO B 4 9.41 -16.66 8.40
C PRO B 4 8.23 -15.81 8.85
N MET B 5 8.44 -14.54 9.12
CA MET B 5 7.33 -13.67 9.58
C MET B 5 6.25 -13.45 8.53
N LEU B 6 6.65 -13.16 7.29
CA LEU B 6 5.69 -12.91 6.23
C LEU B 6 4.84 -14.15 5.96
N MET B 7 5.47 -15.32 5.93
CA MET B 7 4.76 -16.57 5.73
C MET B 7 3.77 -16.87 6.84
N ASN B 8 4.18 -16.65 8.08
CA ASN B 8 3.32 -16.92 9.23
C ASN B 8 2.07 -16.05 9.22
N LEU B 9 2.25 -14.77 8.89
CA LEU B 9 1.13 -13.83 8.84
C LEU B 9 0.13 -14.20 7.73
N LEU B 10 0.63 -14.89 6.71
CA LEU B 10 -0.19 -15.24 5.56
C LEU B 10 -1.06 -16.46 5.81
N LYS B 11 -0.42 -17.57 6.23
N LYS B 11 -0.45 -17.55 6.15
CA LYS B 11 -1.14 -18.76 6.63
CA LYS B 11 -1.19 -18.74 6.55
C LYS B 11 -0.42 -20.01 6.12
C LYS B 11 -0.47 -19.99 6.03
O2 9K0 C . 7.40 6.05 6.71
C23 9K0 C . 8.38 5.82 6.02
C24 9K0 C . 9.69 6.51 6.39
C25 9K0 C . 10.84 5.71 5.79
C22 9K0 C . 8.28 4.86 4.85
C20 9K0 C . 7.11 5.19 3.95
C18 9K0 C . 7.03 6.69 3.66
C19 9K0 C . 7.96 7.08 2.52
C16 9K0 C . 5.60 7.14 3.41
C15 9K0 C . 4.74 6.12 2.65
C14 9K0 C . 3.30 6.35 3.14
C9 9K0 C . 3.43 7.55 4.06
C10 9K0 C . 4.81 7.44 4.66
C17 9K0 C . 4.87 6.27 5.63
C11 9K0 C . 5.12 8.73 5.39
C12 9K0 C . 4.16 8.88 6.56
C13 9K0 C . 2.69 8.84 6.15
C8 9K0 C . 2.41 7.75 5.13
C7 9K0 C . 1.30 7.01 5.18
C6 9K0 C . 0.31 7.25 6.23
C5 9K0 C . -0.44 6.26 6.71
C 9K0 C . -1.46 6.55 7.80
C4 9K0 C . -0.26 4.84 6.21
C3 9K0 C . -1.56 4.02 6.18
O 9K0 C . -1.22 2.63 6.20
C2 9K0 C . -2.45 4.34 7.34
C21 9K0 C . -2.94 3.40 8.14
C1 9K0 C . -2.76 5.78 7.57
O1 9K0 C . -3.40 6.28 6.40
#